data_2V2U
#
_entry.id   2V2U
#
_cell.length_a   34.911
_cell.length_b   46.317
_cell.length_c   53.317
_cell.angle_alpha   108.53
_cell.angle_beta   94.08
_cell.angle_gamma   99.37
#
_symmetry.space_group_name_H-M   'P 1'
#
loop_
_entity.id
_entity.type
_entity.pdbx_description
1 polymer 'GAMMA CRYSTALLIN C'
2 water water
#
_entity_poly.entity_id   1
_entity_poly.type   'polypeptide(L)'
_entity_poly.pdbx_seq_one_letter_code
;GKITFFEDRSFQGRCYECSSDCPNLQTYFSRCNSVRVDSGCWMLYERPNYQGHQYFLRRGEYPDYQQWMGFSDSIRSCRL
IPHAGSHRMRLYEKEDHKGVMMELSEDCSCIQDRFHLSEVRSLQVLEGCWVLYEMPNYRGRQYLLRPQEYRRFQDWGSVD
AKAGSLRRVVDLY
;
_entity_poly.pdbx_strand_id   A,B
#
# COMPACT_ATOMS: atom_id res chain seq x y z
N GLY A 1 -18.85 8.60 14.04
CA GLY A 1 -19.34 8.21 12.68
C GLY A 1 -20.00 6.85 12.63
N LYS A 2 -20.91 6.66 11.68
CA LYS A 2 -21.57 5.39 11.44
C LYS A 2 -21.70 5.11 9.91
N ILE A 3 -21.12 4.00 9.44
CA ILE A 3 -21.21 3.55 8.04
C ILE A 3 -21.66 2.06 7.93
N THR A 4 -22.44 1.76 6.88
CA THR A 4 -22.96 0.41 6.62
C THR A 4 -22.64 0.03 5.18
N PHE A 5 -21.95 -1.09 5.01
CA PHE A 5 -21.58 -1.64 3.70
C PHE A 5 -22.55 -2.75 3.31
N PHE A 6 -22.90 -2.83 2.02
CA PHE A 6 -23.82 -3.85 1.53
C PHE A 6 -23.17 -4.54 0.33
N GLU A 7 -23.28 -5.87 0.27
CA GLU A 7 -22.65 -6.65 -0.81
C GLU A 7 -23.21 -6.34 -2.19
N ASP A 8 -24.50 -6.01 -2.23
CA ASP A 8 -25.16 -5.76 -3.48
C ASP A 8 -25.54 -4.29 -3.60
N ARG A 9 -25.83 -3.88 -4.82
CA ARG A 9 -26.29 -2.53 -5.10
C ARG A 9 -27.62 -2.31 -4.39
N SER A 10 -27.96 -1.04 -4.18
CA SER A 10 -29.28 -0.63 -3.69
C SER A 10 -29.59 -1.18 -2.30
N PHE A 11 -28.54 -1.27 -1.49
CA PHE A 11 -28.64 -1.59 -0.06
C PHE A 11 -29.28 -2.97 0.15
N GLN A 12 -28.76 -3.90 -0.64
CA GLN A 12 -29.23 -5.26 -0.71
C GLN A 12 -28.09 -6.20 -0.38
N GLY A 13 -28.43 -7.37 0.14
CA GLY A 13 -27.44 -8.40 0.45
C GLY A 13 -26.86 -8.31 1.85
N ARG A 14 -25.84 -9.14 2.09
CA ARG A 14 -25.06 -9.16 3.34
C ARG A 14 -24.56 -7.75 3.72
N CYS A 15 -24.58 -7.43 5.01
CA CYS A 15 -24.20 -6.08 5.45
C CYS A 15 -23.41 -6.04 6.74
N TYR A 16 -22.59 -4.99 6.86
CA TYR A 16 -21.74 -4.76 8.01
C TYR A 16 -21.74 -3.28 8.39
N GLU A 17 -22.00 -3.00 9.67
N GLU A 17 -22.09 -3.00 9.65
CA GLU A 17 -21.89 -1.65 10.20
CA GLU A 17 -22.04 -1.65 10.18
C GLU A 17 -20.59 -1.42 10.96
C GLU A 17 -20.71 -1.44 10.90
N CYS A 18 -20.02 -0.23 10.76
N CYS A 18 -19.91 -0.55 10.36
CA CYS A 18 -18.82 0.19 11.45
CA CYS A 18 -18.57 -0.26 10.86
C CYS A 18 -19.05 1.56 12.09
C CYS A 18 -18.61 1.08 11.62
N SER A 19 -18.29 1.85 13.15
N SER A 19 -18.25 1.02 12.90
CA SER A 19 -18.40 3.14 13.85
CA SER A 19 -18.30 2.19 13.79
C SER A 19 -17.02 3.75 14.13
C SER A 19 -16.94 2.86 14.03
N SER A 20 -16.00 2.92 14.12
N SER A 20 -15.93 2.50 13.25
CA SER A 20 -14.62 3.36 14.20
CA SER A 20 -14.59 3.04 13.46
C SER A 20 -13.87 2.78 12.99
C SER A 20 -13.61 2.72 12.33
N ASP A 21 -12.60 3.09 12.83
N ASP A 21 -12.32 2.97 12.59
CA ASP A 21 -11.81 2.55 11.72
CA ASP A 21 -11.26 2.44 11.73
C ASP A 21 -11.84 1.01 11.70
C ASP A 21 -11.42 0.93 11.62
N CYS A 22 -11.60 0.42 10.53
N CYS A 22 -11.82 0.47 10.43
CA CYS A 22 -11.34 -1.02 10.43
CA CYS A 22 -11.94 -0.96 10.16
C CYS A 22 -10.19 -1.36 9.47
C CYS A 22 -10.87 -1.35 9.11
N PRO A 23 -9.17 -2.04 9.98
N PRO A 23 -9.67 -1.71 9.58
CA PRO A 23 -8.02 -2.42 9.18
CA PRO A 23 -8.45 -2.05 8.78
C PRO A 23 -8.27 -3.61 8.22
C PRO A 23 -8.56 -3.32 7.91
N ASN A 24 -9.45 -4.23 8.30
CA ASN A 24 -9.74 -5.42 7.52
C ASN A 24 -11.22 -5.81 7.50
N LEU A 25 -11.90 -5.46 6.40
CA LEU A 25 -13.34 -5.72 6.29
C LEU A 25 -13.67 -7.06 5.63
N GLN A 26 -12.63 -7.74 5.14
CA GLN A 26 -12.75 -9.01 4.42
C GLN A 26 -13.42 -10.14 5.23
N THR A 27 -13.29 -10.10 6.55
CA THR A 27 -13.95 -11.09 7.43
C THR A 27 -15.49 -11.00 7.36
N TYR A 28 -16.00 -9.85 6.94
CA TYR A 28 -17.42 -9.54 7.10
C TYR A 28 -18.16 -9.51 5.78
N PHE A 29 -17.46 -9.22 4.71
CA PHE A 29 -18.02 -9.27 3.35
C PHE A 29 -16.93 -9.40 2.30
N SER A 30 -17.31 -9.86 1.10
CA SER A 30 -16.35 -10.19 0.04
C SER A 30 -16.38 -9.23 -1.15
N ARG A 31 -17.39 -8.36 -1.15
CA ARG A 31 -17.60 -7.35 -2.19
C ARG A 31 -18.46 -6.27 -1.55
N CYS A 32 -18.40 -5.07 -2.11
CA CYS A 32 -19.24 -3.97 -1.63
C CYS A 32 -19.79 -3.18 -2.80
N ASN A 33 -21.10 -3.27 -2.96
CA ASN A 33 -21.74 -2.59 -4.07
C ASN A 33 -22.67 -1.42 -3.71
N SER A 34 -22.89 -1.19 -2.40
CA SER A 34 -23.61 -0.01 -1.92
C SER A 34 -23.22 0.32 -0.48
N VAL A 35 -23.30 1.59 -0.15
CA VAL A 35 -22.93 2.06 1.18
C VAL A 35 -23.96 3.12 1.61
N ARG A 36 -24.31 3.10 2.90
CA ARG A 36 -25.07 4.18 3.52
C ARG A 36 -24.19 4.78 4.64
N VAL A 37 -23.88 6.06 4.54
CA VAL A 37 -23.19 6.73 5.62
C VAL A 37 -24.21 7.48 6.46
N ASP A 38 -24.40 7.03 7.70
CA ASP A 38 -25.22 7.76 8.66
C ASP A 38 -24.57 9.00 9.22
N SER A 39 -23.30 8.90 9.63
CA SER A 39 -22.57 10.02 10.18
C SER A 39 -21.05 9.91 9.95
N GLY A 40 -20.38 11.06 9.88
CA GLY A 40 -18.94 11.13 9.83
C GLY A 40 -18.40 11.12 8.43
N CYS A 41 -17.08 11.29 8.35
CA CYS A 41 -16.31 11.34 7.13
C CYS A 41 -15.43 10.13 7.13
N TRP A 42 -15.43 9.43 6.00
CA TRP A 42 -14.83 8.10 5.87
C TRP A 42 -13.93 8.00 4.67
N MET A 43 -12.73 7.43 4.85
CA MET A 43 -11.96 7.04 3.67
C MET A 43 -12.11 5.54 3.49
N LEU A 44 -12.56 5.10 2.31
CA LEU A 44 -12.59 3.68 2.01
C LEU A 44 -11.37 3.31 1.19
N TYR A 45 -10.89 2.07 1.33
CA TYR A 45 -9.74 1.59 0.59
C TYR A 45 -10.00 0.32 -0.19
N GLU A 46 -9.35 0.21 -1.33
CA GLU A 46 -9.52 -0.94 -2.17
C GLU A 46 -8.97 -2.20 -1.47
N ARG A 47 -7.94 -2.02 -0.63
CA ARG A 47 -7.22 -3.17 -0.03
C ARG A 47 -7.24 -3.08 1.49
N PRO A 48 -6.97 -4.21 2.17
CA PRO A 48 -6.83 -4.18 3.62
C PRO A 48 -5.64 -3.30 4.05
N ASN A 49 -5.64 -2.88 5.32
CA ASN A 49 -4.60 -2.00 5.86
C ASN A 49 -4.34 -0.69 5.08
N TYR A 50 -5.44 -0.20 4.52
CA TYR A 50 -5.55 1.17 4.02
C TYR A 50 -4.64 1.37 2.82
N GLN A 51 -4.70 0.42 1.90
CA GLN A 51 -3.85 0.46 0.71
C GLN A 51 -4.70 0.44 -0.56
N GLY A 52 -4.07 0.68 -1.68
CA GLY A 52 -4.76 0.72 -2.95
C GLY A 52 -5.57 1.99 -3.06
N HIS A 53 -6.55 1.97 -3.96
CA HIS A 53 -7.38 3.14 -4.24
C HIS A 53 -8.18 3.57 -3.00
N GLN A 54 -8.39 4.88 -2.90
CA GLN A 54 -9.03 5.55 -1.77
C GLN A 54 -10.26 6.31 -2.23
N TYR A 55 -11.31 6.25 -1.43
CA TYR A 55 -12.57 6.90 -1.76
C TYR A 55 -13.08 7.70 -0.56
N PHE A 56 -13.46 8.95 -0.81
CA PHE A 56 -13.92 9.81 0.25
C PHE A 56 -15.45 9.76 0.28
N LEU A 57 -15.99 9.42 1.45
CA LEU A 57 -17.45 9.32 1.61
C LEU A 57 -17.90 10.04 2.89
N ARG A 58 -19.04 10.73 2.80
CA ARG A 58 -19.66 11.39 3.94
C ARG A 58 -21.13 11.03 3.97
N ARG A 59 -21.90 11.62 4.89
CA ARG A 59 -23.34 11.33 5.06
C ARG A 59 -24.11 11.25 3.75
N GLY A 60 -24.75 10.10 3.52
CA GLY A 60 -25.61 9.93 2.35
C GLY A 60 -25.75 8.50 1.86
N GLU A 61 -26.55 8.34 0.80
CA GLU A 61 -26.84 7.06 0.20
C GLU A 61 -26.00 6.88 -1.05
N TYR A 62 -25.29 5.76 -1.13
CA TYR A 62 -24.54 5.41 -2.32
C TYR A 62 -25.09 4.08 -2.82
N PRO A 63 -26.09 4.14 -3.73
CA PRO A 63 -26.73 2.94 -4.27
C PRO A 63 -25.84 2.05 -5.17
N ASP A 64 -24.65 2.54 -5.56
CA ASP A 64 -23.62 1.69 -6.18
C ASP A 64 -22.21 2.28 -6.20
N TYR A 65 -21.22 1.42 -6.46
CA TYR A 65 -19.84 1.81 -6.26
C TYR A 65 -19.37 3.01 -7.09
N GLN A 66 -19.93 3.14 -8.30
CA GLN A 66 -19.74 4.30 -9.18
C GLN A 66 -20.10 5.64 -8.50
N GLN A 67 -21.10 5.63 -7.59
CA GLN A 67 -21.51 6.83 -6.85
C GLN A 67 -20.42 7.45 -5.99
N TRP A 68 -19.43 6.65 -5.62
CA TRP A 68 -18.28 7.16 -4.88
C TRP A 68 -17.00 7.10 -5.72
N MET A 69 -17.18 7.13 -7.05
CA MET A 69 -16.13 7.00 -8.08
C MET A 69 -15.21 5.79 -7.91
N GLY A 70 -15.83 4.66 -7.58
CA GLY A 70 -15.12 3.40 -7.34
C GLY A 70 -14.55 2.78 -8.60
N PHE A 71 -13.48 2.04 -8.44
CA PHE A 71 -12.84 1.39 -9.55
C PHE A 71 -13.24 -0.09 -9.63
N SER A 72 -13.76 -0.64 -8.53
CA SER A 72 -14.20 -2.04 -8.48
C SER A 72 -15.19 -2.23 -7.30
N ASP A 73 -15.66 -3.45 -7.08
CA ASP A 73 -16.47 -3.71 -5.88
C ASP A 73 -15.60 -4.09 -4.68
N SER A 74 -14.27 -3.96 -4.81
CA SER A 74 -13.37 -4.21 -3.69
C SER A 74 -13.34 -3.07 -2.66
N ILE A 75 -13.77 -3.37 -1.43
CA ILE A 75 -13.67 -2.41 -0.33
C ILE A 75 -13.24 -3.20 0.87
N ARG A 76 -11.99 -3.03 1.26
CA ARG A 76 -11.37 -3.94 2.25
C ARG A 76 -10.86 -3.32 3.55
N SER A 77 -10.86 -1.99 3.61
CA SER A 77 -10.60 -1.27 4.85
C SER A 77 -11.26 0.12 4.78
N CYS A 78 -11.40 0.77 5.94
CA CYS A 78 -11.93 2.12 6.08
C CYS A 78 -11.39 2.88 7.31
N ARG A 79 -11.18 4.19 7.13
CA ARG A 79 -10.80 5.11 8.19
C ARG A 79 -11.96 6.05 8.46
N LEU A 80 -12.23 6.27 9.73
CA LEU A 80 -13.06 7.36 10.12
C LEU A 80 -12.12 8.55 10.25
N ILE A 81 -12.39 9.58 9.46
CA ILE A 81 -11.51 10.75 9.45
C ILE A 81 -12.00 11.80 10.46
N PRO A 82 -11.08 12.29 11.31
CA PRO A 82 -11.39 13.34 12.27
C PRO A 82 -11.85 14.63 11.62
N HIS A 83 -12.91 15.21 12.17
CA HIS A 83 -13.31 16.58 11.86
C HIS A 83 -12.22 17.50 12.38
N ALA A 84 -12.00 18.62 11.71
CA ALA A 84 -11.14 19.63 12.27
C ALA A 84 -11.89 20.95 12.21
N GLY A 85 -11.66 21.80 13.22
CA GLY A 85 -12.36 23.08 13.37
C GLY A 85 -11.89 24.16 12.41
N SER A 86 -10.68 23.99 11.91
CA SER A 86 -10.17 24.81 10.83
C SER A 86 -9.17 23.99 9.99
N HIS A 87 -8.89 24.51 8.80
CA HIS A 87 -8.02 23.83 7.84
C HIS A 87 -6.99 24.79 7.28
N ARG A 88 -5.75 24.34 7.12
CA ARG A 88 -4.68 25.17 6.58
C ARG A 88 -3.56 24.28 6.04
N MET A 89 -3.18 24.53 4.78
CA MET A 89 -2.14 23.76 4.12
C MET A 89 -1.36 24.61 3.10
N ARG A 90 -0.13 24.20 2.85
CA ARG A 90 0.72 24.87 1.87
C ARG A 90 1.11 23.91 0.80
N LEU A 91 0.91 24.36 -0.42
CA LEU A 91 1.27 23.61 -1.61
C LEU A 91 2.59 24.16 -2.11
N TYR A 92 3.53 23.26 -2.41
CA TYR A 92 4.80 23.68 -3.04
C TYR A 92 5.03 23.17 -4.46
N GLU A 93 5.70 24.01 -5.24
CA GLU A 93 6.07 23.67 -6.61
C GLU A 93 7.14 22.58 -6.67
N LYS A 94 8.07 22.58 -5.72
CA LYS A 94 9.18 21.62 -5.77
C LYS A 94 9.16 20.70 -4.56
N GLU A 95 9.86 19.58 -4.64
CA GLU A 95 9.99 18.67 -3.49
C GLU A 95 10.69 19.39 -2.35
N ASP A 96 10.53 18.86 -1.13
CA ASP A 96 11.19 19.42 0.06
C ASP A 96 10.84 20.88 0.38
N HIS A 97 9.64 21.30 0.00
CA HIS A 97 9.08 22.61 0.36
C HIS A 97 9.86 23.78 -0.23
N LYS A 98 10.26 23.64 -1.49
CA LYS A 98 10.93 24.75 -2.19
C LYS A 98 10.12 25.09 -3.45
N GLY A 99 10.53 26.14 -4.14
CA GLY A 99 9.78 26.66 -5.26
C GLY A 99 8.71 27.61 -4.77
N VAL A 100 7.79 27.97 -5.65
CA VAL A 100 6.67 28.82 -5.27
C VAL A 100 5.65 28.07 -4.37
N MET A 101 4.90 28.85 -3.59
N MET A 101 4.86 28.85 -3.65
CA MET A 101 4.04 28.31 -2.54
CA MET A 101 4.05 28.36 -2.55
C MET A 101 2.67 28.96 -2.63
C MET A 101 2.66 28.98 -2.64
N MET A 102 1.65 28.22 -2.21
CA MET A 102 0.30 28.77 -2.10
C MET A 102 -0.33 28.23 -0.80
N GLU A 103 -0.94 29.12 -0.01
CA GLU A 103 -1.66 28.73 1.20
C GLU A 103 -3.15 28.53 0.98
N LEU A 104 -3.68 27.51 1.63
CA LEU A 104 -5.07 27.10 1.44
C LEU A 104 -5.77 26.86 2.77
N SER A 105 -6.91 27.51 2.95
CA SER A 105 -7.75 27.30 4.14
C SER A 105 -9.22 27.05 3.78
N GLU A 106 -9.48 26.89 2.47
CA GLU A 106 -10.80 26.58 1.94
C GLU A 106 -10.63 25.52 0.85
N ASP A 107 -11.73 24.93 0.39
CA ASP A 107 -11.71 24.00 -0.73
C ASP A 107 -11.21 24.70 -1.98
N CYS A 108 -10.41 23.97 -2.77
CA CYS A 108 -9.91 24.48 -4.04
C CYS A 108 -10.28 23.51 -5.18
N SER A 109 -11.15 23.93 -6.07
CA SER A 109 -11.67 23.04 -7.10
C SER A 109 -10.84 23.01 -8.37
N CYS A 110 -9.87 23.92 -8.44
CA CYS A 110 -8.88 23.94 -9.52
C CYS A 110 -7.55 24.60 -9.13
N ILE A 111 -6.67 23.77 -8.59
CA ILE A 111 -5.30 24.14 -8.24
C ILE A 111 -4.64 24.99 -9.35
N GLN A 112 -4.73 24.53 -10.60
CA GLN A 112 -4.21 25.24 -11.79
C GLN A 112 -4.62 26.73 -11.90
N ASP A 113 -5.86 27.05 -11.56
CA ASP A 113 -6.32 28.46 -11.55
C ASP A 113 -5.64 29.32 -10.48
N ARG A 114 -5.51 28.79 -9.25
CA ARG A 114 -4.95 29.54 -8.13
C ARG A 114 -3.42 29.49 -8.14
N PHE A 115 -2.88 28.29 -7.91
CA PHE A 115 -1.48 28.00 -8.17
C PHE A 115 -1.45 28.12 -9.69
N HIS A 116 -0.30 28.29 -10.32
CA HIS A 116 -0.35 28.22 -11.81
C HIS A 116 0.47 27.04 -12.32
N LEU A 117 0.18 25.89 -11.74
CA LEU A 117 0.94 24.67 -11.92
C LEU A 117 -0.04 23.51 -11.80
N SER A 118 0.29 22.40 -12.45
CA SER A 118 -0.59 21.23 -12.53
C SER A 118 -0.17 20.16 -11.54
N GLU A 119 1.04 20.35 -11.00
CA GLU A 119 1.57 19.48 -9.99
C GLU A 119 1.95 20.21 -8.71
N VAL A 120 1.72 19.53 -7.60
CA VAL A 120 2.15 19.93 -6.26
C VAL A 120 3.20 18.89 -5.82
N ARG A 121 4.45 19.32 -5.69
CA ARG A 121 5.56 18.37 -5.50
C ARG A 121 5.95 18.17 -4.04
N SER A 122 5.38 18.99 -3.15
CA SER A 122 5.43 18.83 -1.70
C SER A 122 4.34 19.67 -1.04
N LEU A 123 3.99 19.29 0.19
CA LEU A 123 2.87 19.85 0.93
C LEU A 123 3.26 20.00 2.38
N GLN A 124 2.70 21.02 3.04
CA GLN A 124 2.68 21.08 4.49
C GLN A 124 1.22 21.18 4.90
N VAL A 125 0.69 20.11 5.48
CA VAL A 125 -0.66 20.15 6.03
C VAL A 125 -0.55 20.56 7.50
N LEU A 126 -0.97 21.79 7.83
CA LEU A 126 -0.77 22.37 9.16
C LEU A 126 -1.97 22.06 10.06
N GLU A 127 -3.17 22.16 9.47
CA GLU A 127 -4.44 21.87 10.16
C GLU A 127 -5.48 21.21 9.28
N GLY A 128 -6.21 20.28 9.89
CA GLY A 128 -7.27 19.57 9.22
C GLY A 128 -6.77 18.38 8.43
N CYS A 129 -7.73 17.60 7.95
CA CYS A 129 -7.48 16.56 7.00
C CYS A 129 -8.11 17.02 5.71
N TRP A 130 -7.50 16.57 4.62
CA TRP A 130 -7.87 17.00 3.31
C TRP A 130 -7.88 15.78 2.40
N VAL A 131 -8.58 15.92 1.29
CA VAL A 131 -8.49 14.96 0.19
C VAL A 131 -7.94 15.70 -1.01
N LEU A 132 -6.80 15.21 -1.49
CA LEU A 132 -6.18 15.61 -2.76
C LEU A 132 -6.74 14.78 -3.89
N TYR A 133 -7.21 15.46 -4.92
CA TYR A 133 -7.72 14.81 -6.11
C TYR A 133 -6.83 15.05 -7.32
N GLU A 134 -6.59 13.96 -8.04
CA GLU A 134 -5.78 13.95 -9.25
C GLU A 134 -6.31 15.00 -10.25
N MET A 135 -7.62 15.20 -10.27
CA MET A 135 -8.27 16.06 -11.25
C MET A 135 -9.04 17.21 -10.63
N PRO A 136 -9.27 18.29 -11.41
CA PRO A 136 -10.13 19.37 -10.92
C PRO A 136 -11.56 18.95 -10.67
N ASN A 137 -12.20 19.66 -9.75
CA ASN A 137 -13.60 19.48 -9.41
C ASN A 137 -13.85 18.13 -8.74
N TYR A 138 -12.85 17.64 -8.01
CA TYR A 138 -13.01 16.50 -7.13
C TYR A 138 -13.27 15.18 -7.89
N ARG A 139 -12.49 14.98 -8.95
CA ARG A 139 -12.61 13.81 -9.80
C ARG A 139 -11.23 13.13 -9.95
N GLY A 140 -11.21 11.83 -10.29
CA GLY A 140 -9.95 11.07 -10.42
C GLY A 140 -9.49 10.41 -9.13
N ARG A 141 -8.28 9.90 -9.12
CA ARG A 141 -7.72 9.28 -7.92
C ARG A 141 -7.69 10.26 -6.75
N GLN A 142 -8.12 9.76 -5.60
CA GLN A 142 -8.22 10.53 -4.35
C GLN A 142 -7.15 10.06 -3.38
N TYR A 143 -6.59 10.99 -2.62
CA TYR A 143 -5.51 10.71 -1.67
C TYR A 143 -5.79 11.47 -0.38
N LEU A 144 -5.97 10.74 0.72
CA LEU A 144 -6.21 11.34 2.02
C LEU A 144 -4.93 11.99 2.52
N LEU A 145 -5.03 13.27 2.89
CA LEU A 145 -3.93 13.97 3.50
C LEU A 145 -4.29 14.23 4.97
N ARG A 146 -3.30 14.15 5.84
CA ARG A 146 -3.53 14.40 7.25
CA ARG A 146 -3.48 14.35 7.28
C ARG A 146 -2.45 15.37 7.78
N PRO A 147 -2.63 15.91 9.02
CA PRO A 147 -1.61 16.89 9.41
C PRO A 147 -0.21 16.29 9.53
N GLN A 148 0.66 16.80 8.67
CA GLN A 148 2.08 16.44 8.57
C GLN A 148 2.65 17.07 7.31
N GLU A 149 3.96 16.97 7.15
CA GLU A 149 4.55 17.39 5.90
C GLU A 149 4.78 16.20 4.95
N TYR A 150 4.71 16.51 3.68
CA TYR A 150 4.85 15.53 2.64
C TYR A 150 5.97 16.15 1.82
N ARG A 151 7.12 15.48 1.73
CA ARG A 151 8.29 16.08 1.05
C ARG A 151 8.27 15.83 -0.45
N ARG A 152 7.49 14.83 -0.86
CA ARG A 152 7.32 14.44 -2.27
C ARG A 152 6.06 13.58 -2.39
N PHE A 153 5.59 13.37 -3.64
CA PHE A 153 4.28 12.74 -3.91
C PHE A 153 4.12 11.32 -3.36
N GLN A 154 5.23 10.59 -3.31
CA GLN A 154 5.23 9.25 -2.73
C GLN A 154 4.73 9.23 -1.26
N ASP A 155 4.86 10.37 -0.58
CA ASP A 155 4.48 10.43 0.81
C ASP A 155 2.96 10.41 1.00
N TRP A 156 2.23 10.74 -0.07
CA TRP A 156 0.77 10.63 -0.07
C TRP A 156 0.17 9.48 -0.89
N GLY A 157 1.02 8.69 -1.54
CA GLY A 157 0.63 7.43 -2.15
C GLY A 157 0.27 7.56 -3.62
N SER A 158 0.54 8.70 -4.22
CA SER A 158 0.17 8.94 -5.62
C SER A 158 1.19 8.37 -6.60
N VAL A 159 0.79 8.22 -7.87
CA VAL A 159 1.67 7.78 -8.95
C VAL A 159 2.64 8.86 -9.40
N ASP A 160 2.25 10.11 -9.21
CA ASP A 160 3.04 11.29 -9.59
C ASP A 160 2.49 12.55 -8.88
N ALA A 161 3.02 13.72 -9.25
CA ALA A 161 2.73 14.97 -8.55
C ALA A 161 1.48 15.71 -9.04
N LYS A 162 0.78 15.14 -10.04
CA LYS A 162 -0.45 15.74 -10.62
C LYS A 162 -1.59 15.90 -9.62
N ALA A 163 -2.17 17.09 -9.57
CA ALA A 163 -3.20 17.43 -8.55
C ALA A 163 -4.05 18.55 -9.10
N GLY A 164 -5.36 18.36 -9.00
CA GLY A 164 -6.30 19.26 -9.66
C GLY A 164 -7.16 19.96 -8.66
N SER A 165 -7.44 19.29 -7.56
CA SER A 165 -8.32 19.86 -6.54
C SER A 165 -8.02 19.32 -5.16
N LEU A 166 -8.46 20.10 -4.19
CA LEU A 166 -8.28 19.82 -2.76
C LEU A 166 -9.57 20.08 -1.96
N ARG A 167 -9.97 19.08 -1.18
CA ARG A 167 -11.18 19.22 -0.35
C ARG A 167 -10.83 19.14 1.15
N ARG A 168 -11.31 20.09 1.95
CA ARG A 168 -11.22 19.96 3.41
C ARG A 168 -12.13 18.81 3.86
N VAL A 169 -11.64 17.99 4.77
CA VAL A 169 -12.47 16.93 5.30
C VAL A 169 -13.36 17.56 6.40
N VAL A 170 -14.60 17.83 6.04
CA VAL A 170 -15.59 18.42 6.96
C VAL A 170 -16.87 17.59 6.91
N ASP A 171 -17.44 17.35 8.08
CA ASP A 171 -18.63 16.51 8.17
C ASP A 171 -19.83 17.13 7.42
N LEU A 172 -20.62 16.26 6.78
CA LEU A 172 -21.83 16.66 6.06
C LEU A 172 -23.05 16.32 6.91
N TYR A 173 -23.98 17.28 6.99
CA TYR A 173 -25.12 17.22 7.90
C TYR A 173 -26.46 16.88 7.25
N GLY B 1 23.48 -7.61 8.80
CA GLY B 1 23.61 -6.56 7.73
C GLY B 1 23.71 -5.24 8.43
N LYS B 2 24.11 -4.16 7.76
CA LYS B 2 24.90 -4.08 6.52
C LYS B 2 24.32 -4.28 5.12
N ILE B 3 23.67 -3.21 4.71
CA ILE B 3 23.26 -3.00 3.32
C ILE B 3 23.66 -1.57 3.00
N THR B 4 24.04 -1.33 1.74
CA THR B 4 24.55 -0.03 1.36
C THR B 4 23.89 0.24 0.03
N PHE B 5 23.09 1.29 0.02
CA PHE B 5 22.38 1.74 -1.15
C PHE B 5 23.25 2.79 -1.87
N PHE B 6 23.31 2.75 -3.20
CA PHE B 6 24.03 3.77 -3.97
C PHE B 6 23.02 4.35 -4.93
N GLU B 7 23.13 5.65 -5.24
CA GLU B 7 22.16 6.33 -6.14
C GLU B 7 22.35 6.01 -7.62
N ASP B 8 23.53 5.53 -7.99
CA ASP B 8 23.84 5.28 -9.38
C ASP B 8 24.26 3.82 -9.53
N ARG B 9 24.31 3.39 -10.79
CA ARG B 9 24.80 2.10 -11.26
C ARG B 9 26.19 1.79 -10.72
N SER B 10 26.47 0.50 -10.56
CA SER B 10 27.84 -0.01 -10.38
C SER B 10 28.59 0.68 -9.23
N PHE B 11 27.83 0.98 -8.18
CA PHE B 11 28.32 1.39 -6.85
C PHE B 11 28.96 2.79 -6.86
N GLN B 12 28.40 3.63 -7.73
CA GLN B 12 28.78 5.04 -7.85
C GLN B 12 27.69 5.90 -7.22
N GLY B 13 28.02 7.15 -6.92
CA GLY B 13 27.06 8.10 -6.33
C GLY B 13 27.07 8.14 -4.82
N ARG B 14 26.15 8.95 -4.26
CA ARG B 14 25.88 9.01 -2.82
C ARG B 14 25.42 7.65 -2.35
N CYS B 15 25.96 7.20 -1.22
CA CYS B 15 25.58 5.92 -0.67
C CYS B 15 24.92 6.11 0.68
N TYR B 16 24.23 5.07 1.15
CA TYR B 16 23.70 5.08 2.51
C TYR B 16 23.73 3.69 3.12
N GLU B 17 24.19 3.63 4.37
CA GLU B 17 24.37 2.38 5.10
C GLU B 17 23.25 2.10 6.10
N CYS B 18 22.87 0.83 6.19
CA CYS B 18 21.80 0.39 7.04
C CYS B 18 22.23 -0.85 7.80
N SER B 19 21.95 -0.87 9.08
CA SER B 19 22.24 -2.06 9.88
C SER B 19 20.96 -2.80 10.24
N SER B 20 19.81 -2.15 9.97
CA SER B 20 18.54 -2.68 10.46
C SER B 20 17.37 -2.14 9.62
N ASP B 21 16.16 -2.27 10.15
CA ASP B 21 14.95 -1.75 9.46
C ASP B 21 15.05 -0.24 9.30
N CYS B 22 14.77 0.24 8.10
CA CYS B 22 14.51 1.66 7.88
C CYS B 22 13.14 1.84 7.22
N PRO B 23 12.19 2.46 7.95
CA PRO B 23 10.85 2.72 7.43
C PRO B 23 10.80 3.91 6.46
N ASN B 24 11.87 4.71 6.43
CA ASN B 24 11.92 5.87 5.53
C ASN B 24 13.33 6.22 5.03
N LEU B 25 13.70 5.70 3.86
CA LEU B 25 15.04 5.88 3.30
C LEU B 25 15.19 7.18 2.48
N GLN B 26 14.14 7.97 2.39
CA GLN B 26 14.10 9.13 1.48
C GLN B 26 14.96 10.33 1.92
N THR B 27 15.36 10.33 3.20
CA THR B 27 16.21 11.38 3.78
C THR B 27 17.69 11.24 3.38
N TYR B 28 18.01 10.22 2.58
CA TYR B 28 19.41 9.86 2.28
C TYR B 28 19.69 9.81 0.79
N PHE B 29 18.65 9.52 0.02
CA PHE B 29 18.74 9.48 -1.43
C PHE B 29 17.32 9.45 -1.96
N SER B 30 17.10 10.05 -3.13
CA SER B 30 15.80 9.93 -3.79
C SER B 30 15.77 8.65 -4.60
N ARG B 31 16.93 8.26 -5.13
CA ARG B 31 17.02 7.09 -6.00
C ARG B 31 18.09 6.09 -5.56
N CYS B 32 17.88 4.84 -5.93
CA CYS B 32 18.83 3.76 -5.70
C CYS B 32 19.02 2.91 -6.95
N ASN B 33 20.26 2.83 -7.41
CA ASN B 33 20.55 2.04 -8.60
C ASN B 33 21.55 0.91 -8.40
N SER B 34 22.09 0.78 -7.19
CA SER B 34 22.90 -0.38 -6.87
C SER B 34 22.93 -0.58 -5.39
N VAL B 35 23.26 -1.79 -4.99
CA VAL B 35 23.30 -2.20 -3.60
C VAL B 35 24.44 -3.16 -3.36
N ARG B 36 25.16 -2.95 -2.26
CA ARG B 36 26.05 -3.96 -1.72
C ARG B 36 25.42 -4.50 -0.46
N VAL B 37 25.15 -5.80 -0.45
CA VAL B 37 24.73 -6.47 0.78
C VAL B 37 25.91 -7.22 1.34
N ASP B 38 26.39 -6.74 2.48
CA ASP B 38 27.56 -7.31 3.12
C ASP B 38 27.19 -8.45 4.07
N SER B 39 25.99 -8.38 4.64
CA SER B 39 25.44 -9.48 5.43
C SER B 39 23.92 -9.33 5.58
N GLY B 40 23.26 -10.43 5.93
CA GLY B 40 21.84 -10.40 6.23
C GLY B 40 20.99 -10.65 5.01
N CYS B 41 19.70 -10.92 5.25
CA CYS B 41 18.67 -10.97 4.21
C CYS B 41 17.80 -9.75 4.34
N TRP B 42 17.39 -9.18 3.22
CA TRP B 42 16.72 -7.92 3.26
C TRP B 42 15.49 -7.93 2.37
N MET B 43 14.39 -7.36 2.85
CA MET B 43 13.32 -6.96 1.95
C MET B 43 13.37 -5.46 1.80
N LEU B 44 13.45 -5.02 0.56
CA LEU B 44 13.39 -3.62 0.17
C LEU B 44 12.04 -3.31 -0.47
N TYR B 45 11.58 -2.08 -0.27
CA TYR B 45 10.27 -1.66 -0.72
C TYR B 45 10.38 -0.40 -1.53
N GLU B 46 9.57 -0.35 -2.58
CA GLU B 46 9.47 0.80 -3.47
C GLU B 46 9.01 2.08 -2.76
N ARG B 47 8.15 1.92 -1.76
CA ARG B 47 7.50 3.05 -1.09
C ARG B 47 7.86 3.10 0.41
N PRO B 48 7.72 4.26 1.07
CA PRO B 48 8.05 4.27 2.51
C PRO B 48 7.17 3.36 3.37
N ASN B 49 7.65 3.02 4.57
CA ASN B 49 6.90 2.25 5.57
C ASN B 49 6.47 0.85 5.14
N TYR B 50 7.32 0.22 4.32
CA TYR B 50 7.19 -1.18 3.88
C TYR B 50 6.02 -1.41 2.92
N GLN B 51 5.77 -0.40 2.07
CA GLN B 51 4.73 -0.46 1.04
C GLN B 51 5.22 -0.52 -0.41
N GLY B 52 4.31 -0.87 -1.32
CA GLY B 52 4.57 -0.98 -2.75
C GLY B 52 5.29 -2.26 -3.13
N HIS B 53 5.90 -2.25 -4.32
CA HIS B 53 6.68 -3.40 -4.81
C HIS B 53 7.77 -3.83 -3.81
N GLN B 54 7.86 -5.15 -3.58
CA GLN B 54 8.86 -5.74 -2.70
C GLN B 54 9.92 -6.53 -3.47
N TYR B 55 11.16 -6.48 -2.96
CA TYR B 55 12.35 -7.10 -3.55
C TYR B 55 13.22 -7.77 -2.51
N PHE B 56 13.58 -9.04 -2.74
CA PHE B 56 14.38 -9.84 -1.82
C PHE B 56 15.86 -9.78 -2.27
N LEU B 57 16.74 -9.39 -1.33
CA LEU B 57 18.19 -9.33 -1.55
C LEU B 57 19.00 -10.07 -0.46
N ARG B 58 20.05 -10.75 -0.86
CA ARG B 58 20.95 -11.37 0.11
C ARG B 58 22.40 -10.94 -0.16
N ARG B 59 23.33 -11.45 0.62
CA ARG B 59 24.76 -11.14 0.52
C ARG B 59 25.21 -11.06 -0.93
N GLY B 60 25.61 -9.87 -1.36
CA GLY B 60 26.22 -9.69 -2.67
C GLY B 60 26.13 -8.32 -3.35
N GLU B 61 26.65 -8.26 -4.55
CA GLU B 61 26.68 -7.04 -5.34
C GLU B 61 25.54 -7.04 -6.39
N TYR B 62 24.82 -5.92 -6.44
CA TYR B 62 23.71 -5.73 -7.34
C TYR B 62 23.98 -4.44 -8.09
N PRO B 63 24.65 -4.53 -9.26
CA PRO B 63 25.11 -3.37 -10.05
C PRO B 63 24.01 -2.49 -10.66
N ASP B 64 22.78 -3.01 -10.70
CA ASP B 64 21.61 -2.27 -11.22
C ASP B 64 20.31 -2.79 -10.61
N TYR B 65 19.21 -2.04 -10.74
CA TYR B 65 17.95 -2.49 -10.12
C TYR B 65 17.32 -3.74 -10.69
N GLN B 66 17.58 -4.05 -11.95
CA GLN B 66 17.12 -5.33 -12.47
C GLN B 66 17.77 -6.55 -11.81
N GLN B 67 18.91 -6.33 -11.14
CA GLN B 67 19.51 -7.41 -10.33
C GLN B 67 18.61 -7.96 -9.24
N TRP B 68 17.79 -7.10 -8.64
CA TRP B 68 16.83 -7.58 -7.65
C TRP B 68 15.41 -7.57 -8.19
N MET B 69 15.34 -7.58 -9.51
CA MET B 69 14.11 -7.64 -10.31
C MET B 69 13.25 -6.37 -10.18
N GLY B 70 13.93 -5.22 -10.30
CA GLY B 70 13.37 -3.92 -9.96
C GLY B 70 12.37 -3.37 -10.94
N PHE B 71 11.41 -2.62 -10.41
CA PHE B 71 10.39 -2.04 -11.26
C PHE B 71 10.63 -0.53 -11.36
N SER B 72 11.55 -0.04 -10.53
CA SER B 72 11.87 1.38 -10.48
C SER B 72 13.25 1.60 -9.86
N ASP B 73 13.67 2.86 -9.77
CA ASP B 73 14.83 3.23 -8.94
C ASP B 73 14.40 3.66 -7.54
N SER B 74 13.12 3.51 -7.20
CA SER B 74 12.65 3.85 -5.86
C SER B 74 12.79 2.68 -4.89
N ILE B 75 13.64 2.91 -3.90
CA ILE B 75 13.80 2.05 -2.75
C ILE B 75 13.66 3.00 -1.56
N ARG B 76 12.50 3.00 -0.91
CA ARG B 76 12.23 4.02 0.12
C ARG B 76 12.10 3.49 1.55
N SER B 77 12.13 2.16 1.68
CA SER B 77 12.21 1.50 2.98
C SER B 77 12.84 0.12 2.82
N CYS B 78 13.23 -0.48 3.96
CA CYS B 78 13.91 -1.78 3.99
C CYS B 78 13.75 -2.49 5.34
N ARG B 79 13.57 -3.81 5.31
CA ARG B 79 13.45 -4.65 6.51
C ARG B 79 14.59 -5.64 6.59
N LEU B 80 15.14 -5.86 7.78
CA LEU B 80 16.05 -6.99 7.95
C LEU B 80 15.21 -8.23 8.31
N ILE B 81 15.36 -9.29 7.53
CA ILE B 81 14.57 -10.51 7.71
C ILE B 81 15.39 -11.53 8.47
N PRO B 82 14.83 -12.08 9.57
CA PRO B 82 15.53 -13.09 10.35
C PRO B 82 15.79 -14.34 9.51
N HIS B 83 16.94 -14.97 9.74
CA HIS B 83 17.26 -16.23 9.13
C HIS B 83 16.67 -17.31 10.03
N ALA B 84 16.14 -18.36 9.43
CA ALA B 84 15.62 -19.49 10.18
C ALA B 84 16.34 -20.75 9.74
N GLY B 85 16.45 -21.70 10.65
CA GLY B 85 17.04 -23.01 10.35
C GLY B 85 16.00 -24.07 10.04
N SER B 86 14.73 -23.68 10.10
CA SER B 86 13.66 -24.52 9.61
C SER B 86 12.50 -23.69 9.11
N HIS B 87 11.77 -24.30 8.19
CA HIS B 87 10.69 -23.64 7.47
C HIS B 87 9.59 -24.66 7.24
N ARG B 88 8.34 -24.20 7.33
CA ARG B 88 7.16 -24.99 7.02
C ARG B 88 5.97 -24.06 6.76
N MET B 89 5.33 -24.25 5.61
CA MET B 89 4.09 -23.56 5.28
C MET B 89 3.07 -24.49 4.58
N ARG B 90 1.81 -24.09 4.58
CA ARG B 90 0.77 -24.85 3.91
C ARG B 90 0.13 -23.99 2.88
N LEU B 91 0.05 -24.51 1.66
CA LEU B 91 -0.58 -23.83 0.55
C LEU B 91 -1.97 -24.41 0.37
N TYR B 92 -2.96 -23.54 0.14
CA TYR B 92 -4.33 -23.98 -0.06
C TYR B 92 -4.94 -23.53 -1.37
N GLU B 93 -5.83 -24.40 -1.86
CA GLU B 93 -6.63 -24.18 -3.09
C GLU B 93 -7.60 -22.99 -3.01
N LYS B 94 -8.32 -22.89 -1.89
CA LYS B 94 -9.42 -21.95 -1.72
C LYS B 94 -9.10 -21.03 -0.56
N GLU B 95 -9.87 -19.94 -0.43
CA GLU B 95 -9.83 -18.99 0.68
C GLU B 95 -10.14 -19.69 2.00
N ASP B 96 -9.66 -19.11 3.10
CA ASP B 96 -10.07 -19.55 4.45
C ASP B 96 -9.65 -20.99 4.71
N HIS B 97 -8.48 -21.35 4.15
CA HIS B 97 -7.86 -22.68 4.29
C HIS B 97 -8.78 -23.85 3.91
N LYS B 98 -9.44 -23.74 2.76
CA LYS B 98 -10.35 -24.78 2.28
C LYS B 98 -9.79 -25.40 1.01
N GLY B 99 -10.32 -26.54 0.61
CA GLY B 99 -9.85 -27.21 -0.61
C GLY B 99 -8.56 -27.97 -0.37
N VAL B 100 -7.91 -28.37 -1.46
CA VAL B 100 -6.70 -29.16 -1.39
C VAL B 100 -5.52 -28.37 -0.82
N MET B 101 -4.63 -29.07 -0.11
CA MET B 101 -3.53 -28.48 0.66
CA MET B 101 -3.50 -28.42 0.53
C MET B 101 -2.18 -29.15 0.35
N MET B 102 -1.11 -28.35 0.25
CA MET B 102 0.23 -28.86 0.10
C MET B 102 1.15 -28.17 1.10
N GLU B 103 1.95 -28.96 1.77
CA GLU B 103 2.89 -28.48 2.77
C GLU B 103 4.27 -28.44 2.15
N LEU B 104 4.90 -27.25 2.10
CA LEU B 104 6.33 -27.15 1.71
C LEU B 104 7.22 -26.97 2.93
N SER B 105 8.38 -27.64 2.92
CA SER B 105 9.43 -27.40 3.92
C SER B 105 10.77 -27.06 3.28
N GLU B 106 10.79 -27.01 1.95
CA GLU B 106 12.00 -26.68 1.16
C GLU B 106 11.57 -25.66 0.10
N ASP B 107 12.52 -25.11 -0.66
CA ASP B 107 12.16 -24.18 -1.73
C ASP B 107 11.42 -24.93 -2.84
N CYS B 108 10.50 -24.25 -3.52
CA CYS B 108 9.77 -24.86 -4.64
C CYS B 108 9.80 -23.97 -5.89
N SER B 109 10.62 -24.34 -6.87
CA SER B 109 10.83 -23.54 -8.09
C SER B 109 9.62 -23.54 -9.03
N CYS B 110 8.67 -24.44 -8.78
CA CYS B 110 7.44 -24.54 -9.55
C CYS B 110 6.33 -25.16 -8.70
N ILE B 111 5.39 -24.33 -8.25
CA ILE B 111 4.27 -24.78 -7.43
C ILE B 111 3.27 -25.60 -8.25
N GLN B 112 2.97 -25.13 -9.46
CA GLN B 112 2.17 -25.90 -10.42
C GLN B 112 2.62 -27.36 -10.52
N ASP B 113 3.94 -27.59 -10.50
CA ASP B 113 4.50 -28.93 -10.62
C ASP B 113 3.97 -29.84 -9.52
N ARG B 114 4.08 -29.40 -8.27
CA ARG B 114 3.66 -30.21 -7.12
C ARG B 114 2.19 -30.01 -6.68
N PHE B 115 1.64 -28.82 -6.92
CA PHE B 115 0.32 -28.47 -6.38
C PHE B 115 -0.80 -28.69 -7.40
N HIS B 116 -0.41 -28.77 -8.68
CA HIS B 116 -1.33 -29.05 -9.79
C HIS B 116 -2.40 -27.96 -9.93
N LEU B 117 -2.06 -26.75 -9.48
CA LEU B 117 -2.90 -25.57 -9.60
C LEU B 117 -2.01 -24.36 -9.93
N SER B 118 -2.60 -23.32 -10.53
CA SER B 118 -1.88 -22.06 -10.86
C SER B 118 -2.00 -21.04 -9.74
N GLU B 119 -3.07 -21.17 -8.96
CA GLU B 119 -3.36 -20.19 -7.95
C GLU B 119 -3.29 -20.79 -6.56
N VAL B 120 -2.76 -19.99 -5.63
CA VAL B 120 -2.79 -20.34 -4.23
C VAL B 120 -3.72 -19.30 -3.61
N ARG B 121 -4.81 -19.74 -3.01
CA ARG B 121 -5.84 -18.79 -2.56
C ARG B 121 -5.87 -18.51 -1.07
N SER B 122 -5.15 -19.31 -0.29
CA SER B 122 -4.76 -18.97 1.08
C SER B 122 -3.55 -19.77 1.52
N LEU B 123 -3.00 -19.40 2.68
CA LEU B 123 -1.76 -19.98 3.17
C LEU B 123 -1.73 -19.93 4.67
N GLN B 124 -0.98 -20.86 5.22
CA GLN B 124 -0.65 -20.90 6.63
C GLN B 124 0.87 -20.99 6.70
N VAL B 125 1.54 -19.89 7.01
CA VAL B 125 3.00 -19.96 7.19
C VAL B 125 3.25 -20.25 8.65
N LEU B 126 3.88 -21.39 8.92
CA LEU B 126 4.03 -21.91 10.27
C LEU B 126 5.38 -21.60 10.90
N GLU B 127 6.44 -21.73 10.10
CA GLU B 127 7.84 -21.52 10.52
C GLU B 127 8.63 -20.84 9.43
N GLY B 128 9.52 -19.93 9.84
CA GLY B 128 10.40 -19.22 8.93
C GLY B 128 9.69 -18.13 8.17
N CYS B 129 10.45 -17.26 7.54
CA CYS B 129 9.93 -16.32 6.57
C CYS B 129 10.19 -16.87 5.17
N TRP B 130 9.31 -16.51 4.25
CA TRP B 130 9.36 -17.04 2.91
C TRP B 130 9.17 -15.88 1.97
N VAL B 131 9.64 -16.05 0.73
CA VAL B 131 9.16 -15.19 -0.31
C VAL B 131 8.43 -15.93 -1.42
N LEU B 132 7.22 -15.42 -1.71
CA LEU B 132 6.30 -15.96 -2.69
C LEU B 132 6.56 -15.19 -3.98
N TYR B 133 6.78 -15.91 -5.08
CA TYR B 133 6.99 -15.29 -6.39
C TYR B 133 5.80 -15.49 -7.32
N GLU B 134 5.43 -14.43 -8.02
CA GLU B 134 4.37 -14.47 -9.02
C GLU B 134 4.58 -15.57 -10.06
N MET B 135 5.82 -15.73 -10.54
CA MET B 135 6.12 -16.69 -11.60
C MET B 135 7.02 -17.86 -11.14
N PRO B 136 7.13 -18.92 -11.96
CA PRO B 136 8.10 -19.96 -11.64
C PRO B 136 9.56 -19.47 -11.70
N ASN B 137 10.47 -20.28 -11.15
CA ASN B 137 11.90 -20.02 -11.15
C ASN B 137 12.32 -18.73 -10.42
N TYR B 138 11.52 -18.33 -9.42
CA TYR B 138 11.74 -17.14 -8.58
C TYR B 138 11.77 -15.80 -9.32
N ARG B 139 10.76 -15.60 -10.18
CA ARG B 139 10.64 -14.47 -11.09
C ARG B 139 9.33 -13.69 -10.88
N GLY B 140 9.24 -12.46 -11.40
CA GLY B 140 8.03 -11.65 -11.26
C GLY B 140 7.92 -10.94 -9.92
N ARG B 141 6.70 -10.54 -9.57
CA ARG B 141 6.45 -9.74 -8.37
C ARG B 141 6.68 -10.62 -7.17
N GLN B 142 7.19 -10.03 -6.08
CA GLN B 142 7.65 -10.79 -4.91
C GLN B 142 6.92 -10.35 -3.64
N TYR B 143 6.70 -11.28 -2.72
CA TYR B 143 5.87 -11.02 -1.56
C TYR B 143 6.44 -11.70 -0.34
N LEU B 144 6.96 -10.91 0.60
CA LEU B 144 7.45 -11.46 1.85
C LEU B 144 6.32 -12.02 2.69
N LEU B 145 6.57 -13.20 3.25
CA LEU B 145 5.63 -13.87 4.14
C LEU B 145 6.30 -14.13 5.49
N ARG B 146 5.69 -13.68 6.57
CA ARG B 146 6.10 -14.11 7.93
C ARG B 146 5.18 -15.19 8.43
N PRO B 147 5.57 -15.89 9.53
CA PRO B 147 4.65 -16.85 10.11
C PRO B 147 3.35 -16.26 10.63
N GLN B 148 2.29 -16.43 9.83
CA GLN B 148 0.91 -16.09 10.24
C GLN B 148 -0.07 -16.81 9.31
N GLU B 149 -1.36 -16.62 9.53
CA GLU B 149 -2.41 -17.14 8.65
C GLU B 149 -2.77 -16.09 7.59
N TYR B 150 -2.94 -16.53 6.35
CA TYR B 150 -3.28 -15.61 5.28
C TYR B 150 -4.59 -16.17 4.74
N ARG B 151 -5.69 -15.43 4.84
CA ARG B 151 -6.96 -16.05 4.55
C ARG B 151 -7.26 -15.89 3.07
N ARG B 152 -6.49 -15.03 2.41
CA ARG B 152 -6.72 -14.65 1.00
C ARG B 152 -5.49 -13.89 0.48
N PHE B 153 -5.41 -13.72 -0.84
CA PHE B 153 -4.18 -13.19 -1.47
C PHE B 153 -3.85 -11.73 -1.10
N GLN B 154 -4.91 -10.93 -0.92
CA GLN B 154 -4.76 -9.53 -0.51
C GLN B 154 -4.00 -9.41 0.81
N ASP B 155 -4.12 -10.44 1.65
CA ASP B 155 -3.40 -10.51 2.95
C ASP B 155 -1.87 -10.55 2.84
N TRP B 156 -1.34 -10.99 1.71
CA TRP B 156 0.12 -10.95 1.49
C TRP B 156 0.49 -9.84 0.49
N GLY B 157 -0.47 -8.92 0.30
CA GLY B 157 -0.28 -7.72 -0.49
C GLY B 157 -0.21 -7.91 -2.00
N SER B 158 -0.89 -8.93 -2.54
CA SER B 158 -0.80 -9.26 -3.98
C SER B 158 -1.98 -8.76 -4.80
N VAL B 159 -1.81 -8.70 -6.12
CA VAL B 159 -2.90 -8.33 -7.01
C VAL B 159 -3.84 -9.50 -7.34
N ASP B 160 -3.33 -10.72 -7.28
CA ASP B 160 -4.12 -11.91 -7.48
C ASP B 160 -3.53 -13.11 -6.76
N ALA B 161 -4.05 -14.29 -7.10
CA ALA B 161 -3.71 -15.54 -6.42
C ALA B 161 -2.63 -16.33 -7.19
N LYS B 162 -2.07 -15.71 -8.21
CA LYS B 162 -1.03 -16.34 -9.02
C LYS B 162 0.22 -16.50 -8.14
N ALA B 163 0.67 -17.74 -7.97
CA ALA B 163 1.91 -18.01 -7.25
C ALA B 163 2.68 -19.05 -8.02
N GLY B 164 3.95 -18.76 -8.31
CA GLY B 164 4.71 -19.61 -9.20
C GLY B 164 5.84 -20.31 -8.50
N SER B 165 6.40 -19.68 -7.48
CA SER B 165 7.46 -20.32 -6.70
C SER B 165 7.54 -19.74 -5.31
N LEU B 166 8.24 -20.47 -4.44
CA LEU B 166 8.38 -20.13 -3.03
C LEU B 166 9.81 -20.36 -2.58
N ARG B 167 10.33 -19.42 -1.81
CA ARG B 167 11.72 -19.47 -1.38
C ARG B 167 11.84 -19.21 0.11
N ARG B 168 12.51 -20.12 0.81
CA ARG B 168 12.80 -19.94 2.22
C ARG B 168 13.80 -18.81 2.33
N VAL B 169 13.51 -17.83 3.18
CA VAL B 169 14.48 -16.80 3.50
C VAL B 169 15.53 -17.45 4.40
N VAL B 170 16.70 -17.71 3.84
CA VAL B 170 17.85 -18.19 4.60
C VAL B 170 19.07 -17.32 4.35
N ASP B 171 20.04 -17.37 5.25
CA ASP B 171 21.25 -16.62 5.06
C ASP B 171 22.06 -17.16 3.87
N LEU B 172 22.69 -16.25 3.14
CA LEU B 172 23.73 -16.57 2.18
C LEU B 172 25.11 -16.11 2.69
N TYR B 173 26.07 -17.04 2.71
CA TYR B 173 27.47 -16.74 3.05
C TYR B 173 28.35 -16.45 1.83
#